data_6U6W
#
_entry.id   6U6W
#
_cell.length_a   47.247
_cell.length_b   46.604
_cell.length_c   68.822
_cell.angle_alpha   89.92
_cell.angle_beta   91.69
_cell.angle_gamma   104.88
#
_symmetry.space_group_name_H-M   'P 1'
#
loop_
_entity.id
_entity.type
_entity.pdbx_description
1 polymer 'WD repeat-containing protein 5'
2 non-polymer 5-bromo-N-(5-chloro-2-hydroxyphenyl)-2-methoxybenzene-1-sulfonamide
3 water water
#
_entity_poly.entity_id   1
_entity_poly.type   'polypeptide(L)'
_entity_poly.pdbx_seq_one_letter_code
;TQSKPTPVKPNYALKFTLAGHTKAVSSVKFSPNGEWLASSSADKLIKIWGAYDGKFEKTISGHKLGISDVAWSSDSNLLV
SASDDKTLKIWDVSSGKCLKTLKGHSNYVFCCNFNPQSNLIVSGSFDESVRIWDVKTGKCLKTLPAHSDPVSAVHFNRDG
SLIVSSSYDGLCRIWDTASGQCLKTLIDDDNPPVSFVKFSPNGKYILAATLDNTLKLWDYSKGKCLKTYTGHKNEKYCIF
ANFSVTGGKWIVSGSEDNLVYIWNLQTKEIVQKLQGHTDVVISTACHPTENIIASAALENDKTIKLWKSDC
;
_entity_poly.pdbx_strand_id   A,B
#
# COMPACT_ATOMS: atom_id res chain seq x y z
N THR A 1 12.83 -24.19 3.24
CA THR A 1 12.50 -24.46 4.63
C THR A 1 11.63 -23.33 5.16
N GLN A 2 11.48 -22.25 4.37
CA GLN A 2 10.56 -21.17 4.75
C GLN A 2 9.14 -21.50 4.29
N SER A 3 8.21 -21.44 5.21
CA SER A 3 6.88 -21.92 4.97
C SER A 3 5.93 -20.77 5.22
N LYS A 4 4.70 -20.95 4.73
CA LYS A 4 3.65 -19.95 4.81
C LYS A 4 2.54 -20.48 5.73
N PRO A 5 2.24 -19.83 6.86
CA PRO A 5 1.06 -20.23 7.64
C PRO A 5 -0.20 -19.93 6.86
N THR A 6 -1.16 -20.85 6.94
CA THR A 6 -2.46 -20.66 6.30
C THR A 6 -3.57 -21.22 7.17
N PRO A 7 -4.13 -20.40 8.04
CA PRO A 7 -5.11 -20.90 9.01
C PRO A 7 -6.46 -21.14 8.34
N VAL A 8 -7.12 -22.23 8.75
CA VAL A 8 -8.50 -22.47 8.33
C VAL A 8 -9.43 -21.57 9.11
N LYS A 9 -9.09 -21.21 10.35
CA LYS A 9 -9.97 -20.38 11.15
C LYS A 9 -9.18 -19.74 12.29
N PRO A 10 -9.59 -18.58 12.79
CA PRO A 10 -8.98 -18.00 13.98
C PRO A 10 -9.62 -18.61 15.23
N ASN A 11 -9.11 -18.21 16.40
CA ASN A 11 -9.68 -18.68 17.68
C ASN A 11 -9.87 -17.53 18.63
N TYR A 12 -10.57 -16.50 18.17
CA TYR A 12 -10.82 -15.33 19.01
C TYR A 12 -11.60 -15.76 20.25
N ALA A 13 -11.18 -15.26 21.41
CA ALA A 13 -11.75 -15.58 22.72
C ALA A 13 -11.89 -14.29 23.52
N LEU A 14 -12.94 -14.22 24.34
CA LEU A 14 -13.18 -13.00 25.08
C LEU A 14 -12.12 -12.80 26.17
N LYS A 15 -11.48 -11.63 26.17
CA LYS A 15 -10.54 -11.28 27.20
C LYS A 15 -11.02 -10.21 28.16
N PHE A 16 -11.68 -9.16 27.66
CA PHE A 16 -12.10 -8.08 28.55
C PHE A 16 -13.44 -7.53 28.11
N THR A 17 -14.24 -7.10 29.08
CA THR A 17 -15.46 -6.34 28.84
C THR A 17 -15.29 -4.94 29.43
N LEU A 18 -15.55 -3.90 28.62
CA LEU A 18 -15.32 -2.50 28.95
C LEU A 18 -16.67 -1.84 29.21
N ALA A 19 -16.94 -1.52 30.46
CA ALA A 19 -18.18 -0.91 30.87
C ALA A 19 -17.95 0.54 31.19
N GLY A 20 -18.98 1.35 30.97
CA GLY A 20 -18.94 2.73 31.42
C GLY A 20 -19.85 3.63 30.60
N HIS A 21 -20.11 3.35 29.32
CA HIS A 21 -21.10 4.14 28.61
C HIS A 21 -22.48 3.88 29.24
N THR A 22 -23.36 4.86 29.11
CA THR A 22 -24.66 4.79 29.74
C THR A 22 -25.80 4.71 28.75
N LYS A 23 -25.52 4.77 27.45
CA LYS A 23 -26.45 4.48 26.36
C LYS A 23 -25.71 3.63 25.34
N ALA A 24 -26.39 3.29 24.23
CA ALA A 24 -25.80 2.46 23.19
C ALA A 24 -24.41 2.96 22.81
N VAL A 25 -23.51 2.02 22.59
CA VAL A 25 -22.26 2.37 21.95
C VAL A 25 -22.59 2.51 20.47
N SER A 26 -21.90 3.43 19.79
CA SER A 26 -22.10 3.60 18.34
C SER A 26 -20.89 3.23 17.49
N SER A 27 -19.65 3.32 18.01
N SER A 27 -19.66 3.37 18.01
CA SER A 27 -18.50 3.08 17.18
CA SER A 27 -18.50 2.99 17.21
C SER A 27 -17.29 2.80 18.08
C SER A 27 -17.35 2.68 18.15
N VAL A 28 -16.43 1.85 17.67
CA VAL A 28 -15.15 1.60 18.30
C VAL A 28 -14.07 1.66 17.22
N LYS A 29 -12.88 2.17 17.55
CA LYS A 29 -11.78 2.28 16.59
C LYS A 29 -10.47 2.14 17.34
N PHE A 30 -9.52 1.35 16.83
CA PHE A 30 -8.16 1.27 17.39
C PHE A 30 -7.29 2.41 16.85
N SER A 31 -6.48 2.99 17.71
CA SER A 31 -5.58 4.02 17.22
C SER A 31 -4.57 3.36 16.23
N PRO A 32 -4.05 4.13 15.27
CA PRO A 32 -3.08 3.56 14.33
C PRO A 32 -1.85 3.07 15.01
N ASN A 33 -1.44 3.64 16.12
CA ASN A 33 -0.22 3.18 16.81
C ASN A 33 -0.47 1.94 17.67
N GLY A 34 -1.69 1.39 17.68
CA GLY A 34 -1.98 0.17 18.38
C GLY A 34 -2.18 0.28 19.87
N GLU A 35 -2.02 1.45 20.46
CA GLU A 35 -2.02 1.53 21.91
C GLU A 35 -3.39 1.70 22.52
N TRP A 36 -4.36 2.22 21.74
CA TRP A 36 -5.61 2.67 22.33
C TRP A 36 -6.81 2.22 21.52
N LEU A 37 -7.93 2.15 22.21
CA LEU A 37 -9.25 2.02 21.60
C LEU A 37 -10.08 3.24 21.95
N ALA A 38 -10.75 3.87 20.98
CA ALA A 38 -11.70 4.93 21.24
C ALA A 38 -13.10 4.37 21.00
N SER A 39 -14.06 4.74 21.85
CA SER A 39 -15.47 4.45 21.65
C SER A 39 -16.27 5.72 21.66
N SER A 40 -17.38 5.71 20.93
CA SER A 40 -18.37 6.75 21.00
C SER A 40 -19.72 6.19 21.40
N SER A 41 -20.64 7.06 21.86
CA SER A 41 -21.92 6.58 22.32
C SER A 41 -23.01 7.63 22.17
N ALA A 42 -24.25 7.12 22.15
CA ALA A 42 -25.45 7.93 22.31
C ALA A 42 -25.44 8.72 23.60
N ASP A 43 -24.62 8.36 24.59
CA ASP A 43 -24.52 9.10 25.83
C ASP A 43 -23.71 10.37 25.70
N LYS A 44 -23.32 10.80 24.49
CA LYS A 44 -22.65 12.07 24.22
C LYS A 44 -21.16 12.01 24.55
N LEU A 45 -20.63 10.87 24.91
CA LEU A 45 -19.26 10.74 25.37
C LEU A 45 -18.41 9.91 24.45
N ILE A 46 -17.11 10.27 24.45
CA ILE A 46 -16.03 9.47 23.89
C ILE A 46 -15.23 8.87 25.03
N LYS A 47 -14.89 7.60 24.99
CA LYS A 47 -14.02 7.00 26.00
C LYS A 47 -12.80 6.39 25.32
N ILE A 48 -11.71 6.43 26.04
CA ILE A 48 -10.42 5.90 25.59
C ILE A 48 -10.06 4.76 26.52
N TRP A 49 -9.53 3.69 25.99
CA TRP A 49 -9.24 2.45 26.71
C TRP A 49 -7.95 1.85 26.17
N GLY A 50 -7.18 1.14 27.04
CA GLY A 50 -5.98 0.45 26.57
C GLY A 50 -6.35 -0.63 25.56
N ALA A 51 -5.64 -0.68 24.43
CA ALA A 51 -5.98 -1.65 23.37
C ALA A 51 -5.59 -3.08 23.73
N TYR A 52 -4.62 -3.30 24.62
CA TYR A 52 -4.15 -4.64 24.93
C TYR A 52 -4.76 -5.19 26.19
N ASP A 53 -5.13 -4.32 27.13
CA ASP A 53 -5.68 -4.75 28.41
C ASP A 53 -7.08 -4.23 28.73
N GLY A 54 -7.68 -3.41 27.88
CA GLY A 54 -9.00 -2.89 28.13
C GLY A 54 -9.10 -1.85 29.21
N LYS A 55 -7.99 -1.35 29.75
CA LYS A 55 -8.12 -0.49 30.93
C LYS A 55 -8.62 0.90 30.56
N PHE A 56 -9.63 1.36 31.31
CA PHE A 56 -10.15 2.70 31.09
C PHE A 56 -9.03 3.72 31.22
N GLU A 57 -8.97 4.67 30.29
CA GLU A 57 -7.99 5.71 30.29
C GLU A 57 -8.62 7.08 30.54
N LYS A 58 -9.64 7.47 29.77
CA LYS A 58 -10.27 8.78 30.01
C LYS A 58 -11.59 8.89 29.28
N THR A 59 -12.35 9.89 29.67
CA THR A 59 -13.59 10.32 28.99
C THR A 59 -13.37 11.68 28.36
N ILE A 60 -13.89 11.87 27.14
CA ILE A 60 -13.81 13.12 26.41
C ILE A 60 -15.23 13.60 26.16
N SER A 61 -15.55 14.83 26.60
CA SER A 61 -16.92 15.32 26.62
C SER A 61 -17.01 16.68 25.99
N GLY A 62 -18.21 16.99 25.49
CA GLY A 62 -18.51 18.31 24.98
C GLY A 62 -19.61 18.33 23.94
N HIS A 63 -19.86 17.25 23.21
CA HIS A 63 -21.02 17.24 22.32
C HIS A 63 -22.29 17.39 23.15
N LYS A 64 -23.29 18.04 22.55
CA LYS A 64 -24.56 18.32 23.22
C LYS A 64 -25.61 17.25 23.00
N LEU A 65 -25.41 16.35 22.03
CA LEU A 65 -26.29 15.21 21.79
C LEU A 65 -25.40 14.02 21.47
N GLY A 66 -26.04 12.88 21.19
CA GLY A 66 -25.34 11.62 20.98
C GLY A 66 -24.37 11.68 19.82
N ILE A 67 -23.43 10.72 19.85
CA ILE A 67 -22.36 10.66 18.86
C ILE A 67 -22.53 9.35 18.09
N SER A 68 -22.38 9.37 16.78
CA SER A 68 -22.52 8.22 15.93
C SER A 68 -21.20 7.61 15.54
N ASP A 69 -20.09 8.37 15.52
CA ASP A 69 -18.84 7.87 14.97
C ASP A 69 -17.72 8.69 15.56
N VAL A 70 -16.56 8.06 15.63
CA VAL A 70 -15.31 8.69 16.07
C VAL A 70 -14.18 8.09 15.23
N ALA A 71 -13.14 8.86 14.90
CA ALA A 71 -12.04 8.39 14.03
C ALA A 71 -10.74 9.07 14.45
N TRP A 72 -9.65 8.32 14.29
CA TRP A 72 -8.30 8.76 14.67
C TRP A 72 -7.53 9.38 13.51
N SER A 73 -6.72 10.39 13.83
CA SER A 73 -5.71 10.82 12.89
C SER A 73 -4.61 9.78 12.76
N SER A 74 -3.79 9.91 11.70
CA SER A 74 -2.76 8.92 11.42
C SER A 74 -1.72 8.86 12.51
N ASP A 75 -1.40 9.98 13.16
CA ASP A 75 -0.39 10.01 14.21
C ASP A 75 -0.98 9.64 15.58
N SER A 76 -2.24 9.24 15.65
CA SER A 76 -2.89 8.83 16.90
C SER A 76 -3.05 9.97 17.88
N ASN A 77 -2.83 11.21 17.48
CA ASN A 77 -2.91 12.31 18.46
C ASN A 77 -4.25 13.04 18.47
N LEU A 78 -5.03 12.90 17.39
CA LEU A 78 -6.32 13.56 17.30
C LEU A 78 -7.42 12.57 17.07
N LEU A 79 -8.60 12.98 17.49
CA LEU A 79 -9.85 12.30 17.13
C LEU A 79 -10.81 13.29 16.48
N VAL A 80 -11.68 12.80 15.60
CA VAL A 80 -12.84 13.57 15.17
C VAL A 80 -14.09 12.75 15.50
N SER A 81 -15.16 13.43 15.91
CA SER A 81 -16.41 12.77 16.22
C SER A 81 -17.53 13.43 15.44
N ALA A 82 -18.59 12.64 15.17
CA ALA A 82 -19.76 13.05 14.39
C ALA A 82 -20.99 12.92 15.28
N SER A 83 -21.74 14.03 15.46
CA SER A 83 -22.83 14.01 16.44
C SER A 83 -24.21 14.40 15.87
N ASP A 84 -25.22 14.02 16.63
CA ASP A 84 -26.60 14.46 16.41
C ASP A 84 -26.76 15.95 16.66
N ASP A 85 -25.79 16.60 17.33
CA ASP A 85 -25.84 18.06 17.50
C ASP A 85 -25.45 18.82 16.24
N LYS A 86 -25.39 18.12 15.12
CA LYS A 86 -25.12 18.67 13.77
C LYS A 86 -23.69 19.10 13.55
N THR A 87 -22.80 18.86 14.51
CA THR A 87 -21.40 19.24 14.40
C THR A 87 -20.51 18.01 14.37
N LEU A 88 -19.28 18.23 13.90
CA LEU A 88 -18.15 17.38 14.24
C LEU A 88 -17.26 18.15 15.20
N LYS A 89 -16.50 17.41 16.02
CA LYS A 89 -15.51 18.03 16.88
C LYS A 89 -14.18 17.33 16.66
N ILE A 90 -13.11 18.14 16.59
CA ILE A 90 -11.73 17.65 16.56
C ILE A 90 -11.22 17.77 17.97
N TRP A 91 -10.61 16.69 18.48
CA TRP A 91 -10.14 16.60 19.86
C TRP A 91 -8.64 16.33 19.88
N ASP A 92 -7.97 16.97 20.87
CA ASP A 92 -6.61 16.59 21.22
C ASP A 92 -6.71 15.47 22.24
N VAL A 93 -6.24 14.27 21.90
CA VAL A 93 -6.45 13.11 22.79
C VAL A 93 -5.72 13.30 24.12
N SER A 94 -4.46 13.74 24.06
CA SER A 94 -3.66 13.97 25.26
C SER A 94 -4.37 14.90 26.26
N SER A 95 -4.87 16.05 25.81
CA SER A 95 -5.46 17.02 26.73
C SER A 95 -6.89 16.68 27.03
N GLY A 96 -7.52 15.93 26.14
CA GLY A 96 -8.94 15.66 26.22
C GLY A 96 -9.82 16.78 25.78
N LYS A 97 -9.29 17.84 25.18
CA LYS A 97 -10.08 19.01 24.92
C LYS A 97 -10.36 19.16 23.42
N CYS A 98 -11.43 19.93 23.16
CA CYS A 98 -11.88 20.20 21.81
C CYS A 98 -11.01 21.29 21.19
N LEU A 99 -10.44 21.02 20.03
CA LEU A 99 -9.66 21.97 19.23
C LEU A 99 -10.54 22.80 18.32
N LYS A 100 -11.52 22.17 17.67
CA LYS A 100 -12.33 22.83 16.67
C LYS A 100 -13.71 22.19 16.70
N THR A 101 -14.73 22.98 16.40
CA THR A 101 -16.07 22.47 16.13
C THR A 101 -16.41 22.80 14.68
N LEU A 102 -16.71 21.77 13.91
CA LEU A 102 -16.94 21.83 12.47
C LEU A 102 -18.43 21.97 12.23
N LYS A 103 -18.81 23.17 11.83
CA LYS A 103 -20.21 23.58 11.71
C LYS A 103 -20.57 23.74 10.25
N GLY A 104 -21.72 23.24 9.86
CA GLY A 104 -22.20 23.41 8.49
C GLY A 104 -23.29 22.42 8.13
N HIS A 105 -23.19 21.18 8.61
CA HIS A 105 -24.31 20.26 8.34
C HIS A 105 -25.61 20.79 8.95
N SER A 106 -26.71 20.43 8.31
CA SER A 106 -28.03 20.88 8.77
C SER A 106 -28.84 19.80 9.46
N ASN A 107 -28.24 18.65 9.74
CA ASN A 107 -28.90 17.57 10.45
C ASN A 107 -27.80 16.69 11.04
N TYR A 108 -28.19 15.60 11.68
CA TYR A 108 -27.24 14.73 12.38
C TYR A 108 -26.05 14.41 11.50
N VAL A 109 -24.87 14.38 12.08
CA VAL A 109 -23.68 13.91 11.36
C VAL A 109 -23.47 12.46 11.74
N PHE A 110 -23.46 11.57 10.76
CA PHE A 110 -23.40 10.13 11.02
C PHE A 110 -22.08 9.43 10.90
N CYS A 111 -21.16 9.97 10.11
CA CYS A 111 -19.93 9.26 9.80
C CYS A 111 -18.80 10.24 9.55
N CYS A 112 -17.59 9.80 9.87
CA CYS A 112 -16.44 10.67 9.68
C CYS A 112 -15.14 9.89 9.57
N ASN A 113 -14.13 10.54 8.98
CA ASN A 113 -12.78 9.94 8.85
C ASN A 113 -11.77 11.01 8.47
N PHE A 114 -10.56 10.87 9.00
CA PHE A 114 -9.45 11.69 8.49
C PHE A 114 -8.95 11.07 7.19
N ASN A 115 -8.31 11.88 6.33
CA ASN A 115 -7.49 11.27 5.26
C ASN A 115 -6.18 10.78 5.87
N PRO A 116 -5.41 9.95 5.13
CA PRO A 116 -4.16 9.44 5.72
C PRO A 116 -3.17 10.53 6.03
N GLN A 117 -3.11 11.58 5.21
CA GLN A 117 -2.19 12.66 5.53
C GLN A 117 -2.65 13.39 6.79
N SER A 118 -3.96 13.39 7.04
CA SER A 118 -4.70 13.87 8.22
C SER A 118 -4.81 15.38 8.21
N ASN A 119 -4.56 16.02 7.07
CA ASN A 119 -4.88 17.44 6.90
C ASN A 119 -6.35 17.66 6.61
N LEU A 120 -7.08 16.62 6.21
CA LEU A 120 -8.51 16.73 5.88
C LEU A 120 -9.33 15.78 6.73
N ILE A 121 -10.61 16.15 6.94
CA ILE A 121 -11.67 15.27 7.43
C ILE A 121 -12.78 15.21 6.41
N VAL A 122 -13.39 14.03 6.28
CA VAL A 122 -14.61 13.85 5.49
C VAL A 122 -15.75 13.48 6.45
N SER A 123 -16.96 13.99 6.18
CA SER A 123 -18.16 13.69 6.96
C SER A 123 -19.30 13.34 6.05
N GLY A 124 -20.27 12.64 6.62
CA GLY A 124 -21.55 12.41 5.98
C GLY A 124 -22.69 12.53 6.95
N SER A 125 -23.81 13.02 6.47
CA SER A 125 -24.90 13.44 7.34
C SER A 125 -26.27 13.04 6.77
N PHE A 126 -27.18 12.95 7.78
CA PHE A 126 -28.61 12.83 7.53
C PHE A 126 -29.10 13.91 6.57
N ASP A 127 -28.36 15.05 6.47
CA ASP A 127 -28.71 16.05 5.47
C ASP A 127 -28.39 15.70 4.05
N GLU A 128 -27.84 14.51 3.78
CA GLU A 128 -27.71 13.94 2.44
C GLU A 128 -26.45 14.46 1.75
N SER A 129 -25.62 15.20 2.46
CA SER A 129 -24.38 15.75 1.91
C SER A 129 -23.15 15.07 2.50
N VAL A 130 -22.06 15.19 1.77
CA VAL A 130 -20.71 14.85 2.24
C VAL A 130 -19.94 16.15 2.32
N ARG A 131 -19.26 16.42 3.44
N ARG A 131 -19.25 16.41 3.43
CA ARG A 131 -18.42 17.61 3.56
CA ARG A 131 -18.43 17.61 3.55
C ARG A 131 -16.96 17.23 3.72
C ARG A 131 -16.97 17.25 3.74
N ILE A 132 -16.08 18.08 3.16
CA ILE A 132 -14.64 17.93 3.28
C ILE A 132 -14.15 19.16 4.04
N TRP A 133 -13.41 18.96 5.14
CA TRP A 133 -13.03 19.98 6.09
C TRP A 133 -11.51 20.07 6.19
N ASP A 134 -11.04 21.29 6.42
CA ASP A 134 -9.62 21.50 6.70
C ASP A 134 -9.36 21.38 8.21
N VAL A 135 -8.50 20.45 8.60
CA VAL A 135 -8.19 20.21 10.03
C VAL A 135 -7.60 21.44 10.70
N LYS A 136 -6.67 22.11 10.03
CA LYS A 136 -5.96 23.22 10.67
C LYS A 136 -6.86 24.42 10.90
N THR A 137 -7.73 24.76 9.94
CA THR A 137 -8.59 25.91 10.14
C THR A 137 -9.94 25.55 10.74
N GLY A 138 -10.33 24.29 10.65
CA GLY A 138 -11.63 23.89 11.13
C GLY A 138 -12.79 24.36 10.29
N LYS A 139 -12.53 24.77 9.04
CA LYS A 139 -13.57 25.23 8.14
C LYS A 139 -13.86 24.23 7.04
N CYS A 140 -15.07 24.31 6.51
CA CYS A 140 -15.50 23.46 5.42
C CYS A 140 -14.87 23.93 4.13
N LEU A 141 -14.23 23.01 3.42
CA LEU A 141 -13.65 23.29 2.11
C LEU A 141 -14.61 23.00 0.97
N LYS A 142 -15.38 21.90 1.05
CA LYS A 142 -16.30 21.55 -0.02
C LYS A 142 -17.54 20.93 0.59
N THR A 143 -18.70 21.16 -0.06
CA THR A 143 -19.94 20.47 0.26
C THR A 143 -20.39 19.73 -0.98
N LEU A 144 -20.47 18.42 -0.91
CA LEU A 144 -20.88 17.63 -2.04
C LEU A 144 -22.32 17.21 -1.91
N PRO A 145 -23.18 17.45 -2.92
CA PRO A 145 -24.60 17.04 -2.83
C PRO A 145 -24.67 15.57 -3.21
N ALA A 146 -24.17 14.72 -2.30
CA ALA A 146 -23.69 13.39 -2.66
C ALA A 146 -24.81 12.40 -2.87
N HIS A 147 -25.92 12.50 -2.13
CA HIS A 147 -26.95 11.45 -2.04
C HIS A 147 -28.32 12.07 -1.91
N SER A 148 -29.34 11.21 -1.98
CA SER A 148 -30.74 11.67 -1.85
C SER A 148 -31.42 11.04 -0.64
N ASP A 149 -30.60 10.58 0.31
CA ASP A 149 -31.05 10.08 1.60
C ASP A 149 -29.83 10.14 2.53
N PRO A 150 -29.99 9.82 3.82
CA PRO A 150 -28.85 9.94 4.73
C PRO A 150 -27.60 9.19 4.26
N VAL A 151 -26.44 9.80 4.52
CA VAL A 151 -25.15 9.21 4.18
C VAL A 151 -24.69 8.35 5.33
N SER A 152 -24.47 7.07 5.05
CA SER A 152 -24.16 6.09 6.09
C SER A 152 -22.67 5.86 6.32
N ALA A 153 -21.78 6.16 5.38
CA ALA A 153 -20.35 5.94 5.57
C ALA A 153 -19.58 6.82 4.60
N VAL A 154 -18.36 7.22 5.03
CA VAL A 154 -17.40 7.94 4.19
C VAL A 154 -16.02 7.40 4.53
N HIS A 155 -15.16 7.27 3.51
CA HIS A 155 -13.82 6.70 3.75
C HIS A 155 -12.88 7.23 2.67
N PHE A 156 -11.66 7.54 3.02
CA PHE A 156 -10.64 7.90 2.03
C PHE A 156 -9.80 6.64 1.69
N ASN A 157 -9.26 6.65 0.48
CA ASN A 157 -8.31 5.64 0.09
C ASN A 157 -6.92 6.06 0.67
N ARG A 158 -5.92 5.23 0.43
CA ARG A 158 -4.60 5.34 1.10
C ARG A 158 -3.76 6.57 0.86
N ASP A 159 -4.00 7.24 -0.24
CA ASP A 159 -3.34 8.53 -0.48
C ASP A 159 -4.31 9.71 -0.37
N GLY A 160 -5.51 9.47 0.12
CA GLY A 160 -6.48 10.56 0.25
C GLY A 160 -7.02 11.12 -1.05
N SER A 161 -6.69 10.53 -2.20
CA SER A 161 -7.13 11.13 -3.47
C SER A 161 -8.59 10.84 -3.78
N LEU A 162 -9.16 9.78 -3.19
CA LEU A 162 -10.55 9.36 -3.42
C LEU A 162 -11.29 9.23 -2.10
N ILE A 163 -12.57 9.56 -2.15
CA ILE A 163 -13.51 9.27 -1.07
C ILE A 163 -14.58 8.33 -1.61
N VAL A 164 -14.94 7.31 -0.84
CA VAL A 164 -16.14 6.50 -1.14
C VAL A 164 -17.23 6.84 -0.12
N SER A 165 -18.43 7.10 -0.61
CA SER A 165 -19.58 7.34 0.25
C SER A 165 -20.68 6.31 -0.03
N SER A 166 -21.50 6.03 0.97
CA SER A 166 -22.68 5.16 0.84
C SER A 166 -23.89 5.86 1.42
N SER A 167 -25.06 5.37 0.99
CA SER A 167 -26.27 6.00 1.48
C SER A 167 -27.44 5.03 1.46
N TYR A 168 -28.43 5.33 2.30
CA TYR A 168 -29.74 4.68 2.25
C TYR A 168 -30.46 4.87 0.90
N ASP A 169 -29.96 5.79 0.03
CA ASP A 169 -30.54 5.88 -1.32
C ASP A 169 -30.15 4.72 -2.20
N GLY A 170 -29.31 3.78 -1.72
CA GLY A 170 -28.94 2.60 -2.47
C GLY A 170 -27.67 2.75 -3.26
N LEU A 171 -27.01 3.88 -3.19
CA LEU A 171 -25.81 4.08 -3.97
C LEU A 171 -24.52 4.11 -3.15
N CYS A 172 -23.44 3.76 -3.86
CA CYS A 172 -22.06 3.97 -3.42
CA CYS A 172 -22.02 4.04 -3.36
C CYS A 172 -21.48 4.87 -4.51
N ARG A 173 -20.81 5.91 -4.09
CA ARG A 173 -20.21 6.82 -5.04
C ARG A 173 -18.73 7.03 -4.67
N ILE A 174 -17.92 7.18 -5.70
CA ILE A 174 -16.50 7.47 -5.59
C ILE A 174 -16.27 8.91 -6.03
N TRP A 175 -15.64 9.69 -5.17
CA TRP A 175 -15.43 11.11 -5.38
C TRP A 175 -13.95 11.42 -5.47
N ASP A 176 -13.59 12.37 -6.33
CA ASP A 176 -12.23 12.92 -6.41
C ASP A 176 -12.11 13.96 -5.31
N THR A 177 -11.22 13.71 -4.36
CA THR A 177 -11.11 14.61 -3.22
C THR A 177 -10.79 16.04 -3.66
N ALA A 178 -9.83 16.22 -4.58
CA ALA A 178 -9.33 17.55 -4.90
C ALA A 178 -10.40 18.44 -5.54
N SER A 179 -11.26 17.86 -6.37
CA SER A 179 -12.27 18.66 -7.08
C SER A 179 -13.67 18.51 -6.49
N GLY A 180 -13.91 17.48 -5.68
CA GLY A 180 -15.26 17.17 -5.21
C GLY A 180 -16.16 16.53 -6.24
N GLN A 181 -15.70 16.22 -7.44
CA GLN A 181 -16.56 15.70 -8.50
C GLN A 181 -16.61 14.19 -8.43
N CYS A 182 -17.76 13.65 -8.89
CA CYS A 182 -17.98 12.21 -8.82
C CYS A 182 -17.26 11.49 -9.96
N LEU A 183 -16.50 10.45 -9.62
CA LEU A 183 -15.82 9.59 -10.57
C LEU A 183 -16.68 8.39 -10.98
N LYS A 184 -17.49 7.87 -10.06
CA LYS A 184 -18.26 6.65 -10.40
C LYS A 184 -19.42 6.50 -9.42
N THR A 185 -20.53 6.00 -9.91
CA THR A 185 -21.67 5.59 -9.08
C THR A 185 -21.83 4.11 -9.28
N LEU A 186 -21.87 3.34 -8.20
CA LEU A 186 -22.22 1.93 -8.20
C LEU A 186 -23.65 1.69 -7.73
N ILE A 187 -24.37 0.91 -8.54
CA ILE A 187 -25.74 0.46 -8.28
C ILE A 187 -25.79 -1.08 -8.27
N ASP A 190 -30.78 -4.62 -8.06
CA ASP A 190 -31.53 -4.05 -6.95
C ASP A 190 -30.80 -2.77 -6.44
N ASN A 191 -31.52 -1.95 -5.65
CA ASN A 191 -30.95 -0.78 -4.98
C ASN A 191 -31.25 -0.75 -3.48
N PRO A 192 -30.92 -1.82 -2.74
CA PRO A 192 -31.18 -1.81 -1.30
C PRO A 192 -30.36 -0.73 -0.62
N PRO A 193 -30.82 -0.21 0.52
CA PRO A 193 -30.03 0.81 1.27
C PRO A 193 -28.64 0.29 1.59
N VAL A 194 -27.65 1.12 1.32
CA VAL A 194 -26.24 0.82 1.63
C VAL A 194 -25.91 1.44 2.96
N SER A 195 -25.58 0.58 3.94
CA SER A 195 -25.41 1.00 5.33
C SER A 195 -23.94 1.15 5.75
N PHE A 196 -22.98 0.72 4.93
CA PHE A 196 -21.58 0.87 5.25
C PHE A 196 -20.77 0.66 3.98
N VAL A 197 -19.66 1.37 3.83
CA VAL A 197 -18.71 1.10 2.75
C VAL A 197 -17.32 1.54 3.20
N LYS A 198 -16.27 0.86 2.70
CA LYS A 198 -14.92 1.37 2.81
C LYS A 198 -14.06 0.75 1.73
N PHE A 199 -12.91 1.38 1.45
CA PHE A 199 -11.95 0.85 0.49
C PHE A 199 -11.23 -0.38 1.08
N SER A 200 -10.78 -1.29 0.20
CA SER A 200 -10.04 -2.49 0.61
C SER A 200 -8.55 -2.19 0.83
N PRO A 201 -7.85 -3.11 1.48
CA PRO A 201 -6.42 -2.90 1.75
C PRO A 201 -5.55 -2.70 0.50
N ASN A 202 -5.88 -3.37 -0.63
CA ASN A 202 -5.08 -3.20 -1.85
C ASN A 202 -5.55 -2.01 -2.68
N GLY A 203 -6.52 -1.20 -2.19
CA GLY A 203 -6.98 0.01 -2.84
C GLY A 203 -7.91 -0.17 -4.03
N LYS A 204 -8.16 -1.39 -4.47
CA LYS A 204 -8.89 -1.60 -5.72
C LYS A 204 -10.37 -1.89 -5.51
N TYR A 205 -10.78 -2.30 -4.33
CA TYR A 205 -12.15 -2.77 -4.10
C TYR A 205 -12.82 -1.88 -3.06
N ILE A 206 -14.13 -2.00 -2.95
CA ILE A 206 -14.92 -1.47 -1.84
C ILE A 206 -15.71 -2.60 -1.22
N LEU A 207 -15.76 -2.59 0.11
CA LEU A 207 -16.58 -3.51 0.86
C LEU A 207 -17.85 -2.78 1.29
N ALA A 208 -19.02 -3.23 0.83
CA ALA A 208 -20.29 -2.54 1.03
C ALA A 208 -21.28 -3.46 1.74
N ALA A 209 -21.91 -2.94 2.80
CA ALA A 209 -23.01 -3.61 3.48
C ALA A 209 -24.32 -3.01 2.98
N THR A 210 -25.28 -3.88 2.73
CA THR A 210 -26.63 -3.47 2.36
C THR A 210 -27.62 -4.04 3.38
N LEU A 211 -28.75 -3.35 3.60
CA LEU A 211 -29.74 -3.75 4.61
C LEU A 211 -30.62 -4.90 4.16
N ASP A 212 -30.01 -5.89 3.54
CA ASP A 212 -30.63 -7.15 3.12
C ASP A 212 -29.72 -8.26 3.57
N ASN A 213 -29.06 -8.07 4.70
CA ASN A 213 -28.24 -9.12 5.29
C ASN A 213 -27.07 -9.55 4.41
N THR A 214 -26.44 -8.61 3.70
CA THR A 214 -25.42 -8.95 2.71
C THR A 214 -24.25 -7.98 2.77
N LEU A 215 -23.05 -8.55 2.71
CA LEU A 215 -21.82 -7.81 2.47
C LEU A 215 -21.26 -8.21 1.12
N LYS A 216 -20.79 -7.24 0.37
CA LYS A 216 -20.23 -7.52 -0.96
C LYS A 216 -18.91 -6.77 -1.17
N LEU A 217 -17.91 -7.44 -1.78
CA LEU A 217 -16.63 -6.86 -2.17
C LEU A 217 -16.68 -6.58 -3.67
N TRP A 218 -16.65 -5.30 -4.04
CA TRP A 218 -16.82 -4.85 -5.42
C TRP A 218 -15.52 -4.31 -5.99
N ASP A 219 -15.21 -4.64 -7.24
CA ASP A 219 -14.20 -3.89 -7.99
C ASP A 219 -14.91 -2.67 -8.53
N TYR A 220 -14.60 -1.50 -7.97
CA TYR A 220 -15.39 -0.29 -8.26
C TYR A 220 -15.13 0.24 -9.67
N SER A 221 -13.95 -0.02 -10.21
CA SER A 221 -13.62 0.44 -11.55
C SER A 221 -14.32 -0.41 -12.61
N LYS A 222 -14.36 -1.73 -12.40
CA LYS A 222 -15.00 -2.67 -13.33
C LYS A 222 -16.49 -2.86 -13.05
N GLY A 223 -16.98 -2.43 -11.90
CA GLY A 223 -18.37 -2.66 -11.55
C GLY A 223 -18.72 -4.12 -11.38
N LYS A 224 -17.80 -4.92 -10.83
CA LYS A 224 -18.01 -6.35 -10.71
C LYS A 224 -17.87 -6.79 -9.26
N CYS A 225 -18.80 -7.63 -8.81
CA CYS A 225 -18.77 -8.13 -7.46
C CYS A 225 -17.89 -9.36 -7.41
N LEU A 226 -16.87 -9.31 -6.57
CA LEU A 226 -15.92 -10.40 -6.46
C LEU A 226 -16.26 -11.40 -5.39
N LYS A 227 -16.74 -10.95 -4.25
CA LYS A 227 -17.07 -11.84 -3.15
C LYS A 227 -18.31 -11.32 -2.47
N THR A 228 -19.03 -12.20 -1.80
CA THR A 228 -20.25 -11.89 -1.05
C THR A 228 -20.23 -12.69 0.23
N TYR A 229 -20.64 -12.07 1.33
CA TYR A 229 -20.63 -12.71 2.66
C TYR A 229 -22.00 -12.59 3.29
N THR A 230 -22.59 -13.73 3.66
CA THR A 230 -23.90 -13.77 4.28
C THR A 230 -23.88 -14.74 5.45
N GLY A 231 -25.02 -14.79 6.13
CA GLY A 231 -25.25 -15.62 7.30
C GLY A 231 -25.53 -14.83 8.55
N HIS A 232 -25.24 -13.54 8.57
CA HIS A 232 -25.49 -12.64 9.68
C HIS A 232 -26.83 -11.94 9.47
N LYS A 233 -27.22 -11.08 10.41
CA LYS A 233 -28.46 -10.34 10.32
C LYS A 233 -28.14 -8.86 10.23
N ASN A 234 -28.62 -8.21 9.19
CA ASN A 234 -28.44 -6.75 9.10
C ASN A 234 -29.51 -6.18 8.18
N GLU A 235 -30.62 -5.79 8.77
CA GLU A 235 -31.71 -5.14 8.05
C GLU A 235 -32.06 -3.76 8.57
N LYS A 236 -31.46 -3.32 9.69
CA LYS A 236 -31.85 -2.04 10.27
C LYS A 236 -30.71 -1.06 10.51
N TYR A 237 -29.62 -1.52 11.10
CA TYR A 237 -28.64 -0.60 11.63
C TYR A 237 -27.47 -0.43 10.67
N CYS A 238 -26.78 0.69 10.78
CA CYS A 238 -25.53 0.85 10.06
C CYS A 238 -24.45 0.16 10.89
N ILE A 239 -24.02 -1.00 10.45
CA ILE A 239 -23.05 -1.85 11.11
C ILE A 239 -21.78 -1.82 10.29
N PHE A 240 -20.68 -1.49 10.92
CA PHE A 240 -19.38 -1.44 10.26
C PHE A 240 -18.98 -2.84 9.83
N ALA A 241 -18.09 -2.92 8.83
CA ALA A 241 -17.41 -4.17 8.53
C ALA A 241 -15.92 -3.88 8.41
N ASN A 242 -15.10 -4.89 8.64
CA ASN A 242 -13.66 -4.72 8.66
C ASN A 242 -12.96 -5.78 7.83
N PHE A 243 -11.77 -5.42 7.36
CA PHE A 243 -10.79 -6.39 6.87
C PHE A 243 -9.80 -6.68 8.00
N SER A 244 -9.60 -7.95 8.32
CA SER A 244 -8.64 -8.35 9.33
C SER A 244 -7.36 -8.77 8.59
N VAL A 245 -6.32 -7.96 8.71
CA VAL A 245 -5.12 -8.02 7.86
C VAL A 245 -3.89 -8.51 8.59
N THR A 246 -3.98 -8.81 9.88
CA THR A 246 -2.81 -9.11 10.69
C THR A 246 -2.45 -10.58 10.69
N GLY A 247 -3.44 -11.46 10.60
CA GLY A 247 -3.20 -12.90 10.62
C GLY A 247 -3.83 -13.52 9.40
N GLY A 248 -4.75 -14.47 9.58
CA GLY A 248 -5.48 -14.96 8.42
C GLY A 248 -6.33 -13.84 7.82
N LYS A 249 -6.64 -13.98 6.54
CA LYS A 249 -7.39 -12.93 5.84
C LYS A 249 -8.87 -13.14 6.08
N TRP A 250 -9.44 -12.24 6.90
CA TRP A 250 -10.84 -12.37 7.28
C TRP A 250 -11.60 -11.09 7.00
N ILE A 251 -12.92 -11.24 6.88
CA ILE A 251 -13.89 -10.15 6.97
C ILE A 251 -14.61 -10.26 8.29
N VAL A 252 -14.80 -9.12 8.99
CA VAL A 252 -15.43 -9.12 10.30
C VAL A 252 -16.62 -8.18 10.27
N SER A 253 -17.72 -8.54 10.95
CA SER A 253 -18.86 -7.62 11.08
C SER A 253 -19.66 -7.97 12.33
N GLY A 254 -20.27 -6.94 12.90
CA GLY A 254 -21.35 -7.17 13.84
C GLY A 254 -22.61 -7.63 13.14
N SER A 255 -23.67 -7.78 13.94
CA SER A 255 -24.90 -8.44 13.48
C SER A 255 -26.04 -8.18 14.46
N GLU A 256 -27.27 -8.16 13.93
CA GLU A 256 -28.46 -7.90 14.73
C GLU A 256 -28.93 -9.10 15.55
N ASP A 257 -28.22 -10.24 15.47
CA ASP A 257 -28.44 -11.38 16.33
C ASP A 257 -27.41 -11.43 17.47
N ASN A 258 -26.70 -10.31 17.73
CA ASN A 258 -25.85 -10.11 18.93
C ASN A 258 -24.52 -10.83 18.82
N LEU A 259 -24.17 -11.34 17.67
CA LEU A 259 -22.90 -12.03 17.45
C LEU A 259 -21.93 -11.23 16.57
N VAL A 260 -20.63 -11.42 16.76
CA VAL A 260 -19.62 -10.99 15.77
C VAL A 260 -19.42 -12.13 14.80
N TYR A 261 -19.48 -11.86 13.49
CA TYR A 261 -19.24 -12.82 12.44
C TYR A 261 -17.87 -12.56 11.82
N ILE A 262 -17.19 -13.65 11.54
CA ILE A 262 -15.87 -13.62 10.88
C ILE A 262 -15.94 -14.60 9.71
N TRP A 263 -15.54 -14.15 8.53
CA TRP A 263 -15.53 -14.97 7.33
C TRP A 263 -14.15 -15.07 6.75
N ASN A 264 -13.92 -16.21 6.09
CA ASN A 264 -12.78 -16.38 5.19
C ASN A 264 -12.95 -15.46 3.98
N LEU A 265 -11.97 -14.57 3.74
CA LEU A 265 -12.03 -13.61 2.63
C LEU A 265 -12.27 -14.32 1.32
N GLN A 266 -11.50 -15.36 1.04
CA GLN A 266 -11.57 -15.97 -0.28
C GLN A 266 -12.72 -16.95 -0.42
N THR A 267 -12.94 -17.81 0.57
CA THR A 267 -13.96 -18.85 0.41
C THR A 267 -15.33 -18.36 0.76
N LYS A 268 -15.43 -17.27 1.52
CA LYS A 268 -16.68 -16.67 1.94
C LYS A 268 -17.39 -17.49 3.02
N GLU A 269 -16.76 -18.53 3.52
CA GLU A 269 -17.40 -19.28 4.60
C GLU A 269 -17.22 -18.60 5.95
N ILE A 270 -18.25 -18.72 6.81
CA ILE A 270 -18.09 -18.26 8.17
C ILE A 270 -17.06 -19.14 8.88
N VAL A 271 -16.07 -18.52 9.50
CA VAL A 271 -15.06 -19.24 10.27
C VAL A 271 -15.20 -19.11 11.78
N GLN A 272 -15.89 -18.09 12.30
CA GLN A 272 -16.16 -18.01 13.74
C GLN A 272 -17.33 -17.07 13.93
N LYS A 273 -18.10 -17.34 14.98
CA LYS A 273 -19.09 -16.41 15.51
C LYS A 273 -18.77 -16.19 16.97
N LEU A 274 -18.69 -14.94 17.42
CA LEU A 274 -18.27 -14.61 18.78
C LEU A 274 -19.49 -14.26 19.61
N GLN A 275 -19.75 -15.06 20.64
CA GLN A 275 -20.91 -14.89 21.51
C GLN A 275 -20.58 -14.23 22.84
N GLY A 276 -21.44 -13.31 23.27
CA GLY A 276 -21.22 -12.71 24.57
C GLY A 276 -22.05 -11.45 24.74
N HIS A 277 -22.21 -10.66 23.68
CA HIS A 277 -23.05 -9.47 23.80
C HIS A 277 -24.53 -9.82 23.98
N THR A 278 -25.28 -8.85 24.52
CA THR A 278 -26.71 -9.05 24.78
C THR A 278 -27.56 -8.03 24.05
N ASP A 279 -27.02 -7.42 23.01
CA ASP A 279 -27.81 -6.60 22.10
C ASP A 279 -27.03 -6.56 20.77
N VAL A 280 -27.63 -5.90 19.80
CA VAL A 280 -27.05 -5.78 18.46
C VAL A 280 -25.61 -5.31 18.54
N VAL A 281 -24.71 -6.00 17.84
CA VAL A 281 -23.31 -5.59 17.74
C VAL A 281 -23.20 -4.62 16.57
N ILE A 282 -23.20 -3.32 16.89
CA ILE A 282 -23.23 -2.24 15.90
C ILE A 282 -21.88 -1.91 15.32
N SER A 283 -20.79 -2.29 16.02
CA SER A 283 -19.48 -1.85 15.60
C SER A 283 -18.45 -2.87 16.01
N THR A 284 -17.51 -3.08 15.12
CA THR A 284 -16.34 -3.90 15.37
C THR A 284 -15.13 -3.18 14.76
N ALA A 285 -13.95 -3.51 15.28
CA ALA A 285 -12.70 -2.96 14.76
C ALA A 285 -11.65 -4.03 14.96
N CYS A 286 -10.67 -4.00 14.06
CA CYS A 286 -9.51 -4.91 14.09
C CYS A 286 -8.25 -4.13 14.41
N HIS A 287 -7.44 -4.65 15.33
CA HIS A 287 -6.23 -3.96 15.71
C HIS A 287 -5.25 -3.90 14.53
N PRO A 288 -4.45 -2.82 14.39
CA PRO A 288 -3.68 -2.66 13.15
C PRO A 288 -2.53 -3.63 13.03
N THR A 289 -2.01 -4.19 14.12
CA THR A 289 -0.85 -5.08 14.04
C THR A 289 -1.03 -6.41 14.76
N GLU A 290 -1.90 -6.52 15.75
CA GLU A 290 -2.12 -7.76 16.50
C GLU A 290 -3.50 -8.35 16.19
N ASN A 291 -3.64 -9.65 16.44
CA ASN A 291 -4.93 -10.34 16.21
C ASN A 291 -5.87 -10.09 17.39
N ILE A 292 -6.43 -8.89 17.40
CA ILE A 292 -7.37 -8.42 18.43
C ILE A 292 -8.55 -7.76 17.73
N ILE A 293 -9.74 -8.10 18.20
CA ILE A 293 -11.00 -7.50 17.73
C ILE A 293 -11.65 -6.78 18.91
N ALA A 294 -12.18 -5.58 18.66
CA ALA A 294 -13.11 -4.93 19.57
C ALA A 294 -14.52 -4.94 19.01
N SER A 295 -15.51 -5.14 19.87
CA SER A 295 -16.92 -5.13 19.45
C SER A 295 -17.71 -4.32 20.44
N ALA A 296 -18.79 -3.70 19.96
CA ALA A 296 -19.61 -2.84 20.80
C ALA A 296 -21.08 -3.01 20.48
N ALA A 297 -21.95 -2.83 21.49
CA ALA A 297 -23.35 -3.18 21.36
C ALA A 297 -24.27 -2.03 21.76
N LEU A 298 -25.56 -2.23 21.43
CA LEU A 298 -26.62 -1.27 21.66
C LEU A 298 -27.11 -1.31 23.11
N GLU A 299 -28.21 -0.61 23.38
CA GLU A 299 -28.45 -0.10 24.72
C GLU A 299 -28.89 -1.14 25.75
N ASN A 300 -29.28 -2.35 25.35
N ASN A 300 -29.26 -2.35 25.35
CA ASN A 300 -29.48 -3.37 26.36
CA ASN A 300 -29.44 -3.35 26.38
C ASN A 300 -28.15 -3.86 26.94
C ASN A 300 -28.14 -3.87 26.94
N ASP A 301 -27.03 -3.62 26.24
CA ASP A 301 -25.72 -4.14 26.60
C ASP A 301 -24.79 -3.01 26.99
N LYS A 302 -24.52 -2.05 26.09
CA LYS A 302 -23.75 -0.83 26.38
C LYS A 302 -22.28 -1.11 26.67
N THR A 303 -21.76 -2.30 26.36
CA THR A 303 -20.35 -2.62 26.64
C THR A 303 -19.58 -2.75 25.35
N ILE A 304 -18.25 -2.73 25.50
CA ILE A 304 -17.31 -3.06 24.44
C ILE A 304 -16.59 -4.32 24.90
N LYS A 305 -16.35 -5.24 23.98
CA LYS A 305 -15.62 -6.45 24.32
C LYS A 305 -14.36 -6.51 23.47
N LEU A 306 -13.27 -6.99 24.09
CA LEU A 306 -12.00 -7.23 23.42
C LEU A 306 -11.73 -8.73 23.37
N TRP A 307 -11.47 -9.23 22.17
CA TRP A 307 -11.28 -10.63 21.86
C TRP A 307 -9.91 -10.80 21.22
N LYS A 308 -9.21 -11.88 21.59
CA LYS A 308 -7.86 -12.13 21.09
C LYS A 308 -7.78 -13.51 20.47
N SER A 309 -7.00 -13.62 19.38
CA SER A 309 -6.79 -14.87 18.68
C SER A 309 -5.30 -15.15 18.63
N ASP A 310 -4.93 -16.43 18.48
CA ASP A 310 -3.55 -16.83 18.26
C ASP A 310 -3.14 -16.83 16.78
N CYS A 311 -4.09 -16.56 15.88
CA CYS A 311 -3.75 -16.54 14.46
C CYS A 311 -4.76 -15.66 13.73
N THR B 1 -12.65 25.10 -5.11
CA THR B 1 -11.89 24.98 -6.35
C THR B 1 -11.04 23.70 -6.40
N GLN B 2 -10.53 23.39 -7.60
CA GLN B 2 -9.59 22.28 -7.82
C GLN B 2 -8.16 22.82 -7.81
N SER B 3 -7.33 22.32 -6.92
CA SER B 3 -5.96 22.83 -6.80
C SER B 3 -4.98 21.66 -6.83
N LYS B 4 -3.72 21.97 -7.18
CA LYS B 4 -2.62 21.05 -6.95
C LYS B 4 -2.39 20.88 -5.44
N PRO B 5 -1.89 19.72 -5.00
CA PRO B 5 -1.63 19.55 -3.57
C PRO B 5 -0.52 20.50 -3.12
N THR B 6 -0.65 20.97 -1.89
CA THR B 6 0.46 21.72 -1.33
C THR B 6 1.61 20.74 -1.14
N PRO B 7 2.76 20.92 -1.80
CA PRO B 7 3.85 19.94 -1.62
C PRO B 7 4.28 19.86 -0.16
N VAL B 8 4.49 18.61 0.30
CA VAL B 8 5.00 18.35 1.65
C VAL B 8 5.93 17.15 1.54
N LYS B 9 6.85 17.06 2.50
CA LYS B 9 7.74 15.91 2.58
C LYS B 9 6.91 14.63 2.69
N PRO B 10 7.35 13.52 2.08
CA PRO B 10 6.70 12.24 2.39
C PRO B 10 7.10 11.79 3.78
N ASN B 11 6.34 10.82 4.30
CA ASN B 11 6.57 10.31 5.64
C ASN B 11 6.68 8.79 5.62
N TYR B 12 7.51 8.25 4.74
CA TYR B 12 7.76 6.81 4.71
C TYR B 12 8.20 6.29 6.07
N ALA B 13 7.51 5.26 6.55
CA ALA B 13 7.76 4.68 7.87
C ALA B 13 7.80 3.16 7.74
N LEU B 14 8.67 2.51 8.52
CA LEU B 14 8.84 1.06 8.43
C LEU B 14 7.57 0.35 8.85
N LYS B 15 7.10 -0.56 8.00
CA LYS B 15 5.95 -1.37 8.33
C LYS B 15 6.29 -2.83 8.51
N PHE B 16 7.15 -3.41 7.66
CA PHE B 16 7.46 -4.83 7.77
C PHE B 16 8.91 -5.05 7.44
N THR B 17 9.48 -6.10 8.04
CA THR B 17 10.80 -6.62 7.68
C THR B 17 10.65 -8.06 7.22
N LEU B 18 11.17 -8.34 6.04
CA LEU B 18 10.98 -9.61 5.34
C LEU B 18 12.26 -10.42 5.44
N ALA B 19 12.27 -11.45 6.28
CA ALA B 19 13.45 -12.27 6.49
C ALA B 19 13.27 -13.59 5.79
N GLY B 20 14.37 -14.20 5.38
CA GLY B 20 14.36 -15.58 4.87
C GLY B 20 15.47 -15.82 3.88
N HIS B 21 15.98 -14.81 3.17
CA HIS B 21 17.20 -15.03 2.40
C HIS B 21 18.36 -15.36 3.33
N THR B 22 19.31 -16.13 2.84
CA THR B 22 20.44 -16.60 3.64
C THR B 22 21.77 -16.02 3.21
N LYS B 23 21.79 -15.19 2.16
CA LYS B 23 22.96 -14.43 1.74
C LYS B 23 22.42 -13.07 1.33
N ALA B 24 23.28 -12.17 0.88
CA ALA B 24 22.89 -10.82 0.46
C ALA B 24 21.69 -10.87 -0.47
N VAL B 25 20.77 -9.93 -0.27
CA VAL B 25 19.74 -9.67 -1.26
C VAL B 25 20.40 -8.87 -2.37
N SER B 26 19.96 -9.10 -3.62
CA SER B 26 20.52 -8.38 -4.76
C SER B 26 19.53 -7.46 -5.44
N SER B 27 18.24 -7.76 -5.40
N SER B 27 18.24 -7.79 -5.44
CA SER B 27 17.28 -6.94 -6.13
CA SER B 27 17.27 -6.92 -6.08
C SER B 27 15.88 -7.20 -5.58
C SER B 27 15.90 -7.16 -5.46
N VAL B 28 15.07 -6.13 -5.52
CA VAL B 28 13.65 -6.23 -5.22
C VAL B 28 12.86 -5.48 -6.28
N LYS B 29 11.68 -6.00 -6.64
CA LYS B 29 10.87 -5.38 -7.68
C LYS B 29 9.40 -5.63 -7.34
N PHE B 30 8.57 -4.62 -7.46
CA PHE B 30 7.12 -4.83 -7.34
C PHE B 30 6.51 -5.31 -8.65
N SER B 31 5.51 -6.19 -8.55
CA SER B 31 4.86 -6.59 -9.78
C SER B 31 4.08 -5.39 -10.36
N PRO B 32 3.86 -5.39 -11.68
CA PRO B 32 3.12 -4.27 -12.27
C PRO B 32 1.69 -4.17 -11.77
N ASN B 33 1.08 -5.29 -11.35
CA ASN B 33 -0.28 -5.24 -10.81
C ASN B 33 -0.34 -4.82 -9.35
N GLY B 34 0.81 -4.53 -8.74
CA GLY B 34 0.87 -4.03 -7.40
C GLY B 34 0.61 -5.04 -6.28
N GLU B 35 0.44 -6.32 -6.61
CA GLU B 35 0.08 -7.29 -5.57
C GLU B 35 1.30 -7.93 -4.92
N TRP B 36 2.46 -7.96 -5.59
CA TRP B 36 3.57 -8.77 -5.10
C TRP B 36 4.88 -8.00 -5.13
N LEU B 37 5.80 -8.42 -4.29
CA LEU B 37 7.21 -8.06 -4.39
C LEU B 37 7.99 -9.33 -4.66
N ALA B 38 8.94 -9.27 -5.60
CA ALA B 38 9.90 -10.34 -5.83
C ALA B 38 11.27 -9.87 -5.35
N SER B 39 12.01 -10.80 -4.75
CA SER B 39 13.37 -10.55 -4.36
C SER B 39 14.30 -11.62 -4.89
N SER B 40 15.54 -11.25 -5.22
CA SER B 40 16.55 -12.23 -5.60
C SER B 40 17.73 -12.12 -4.64
N SER B 41 18.58 -13.15 -4.62
CA SER B 41 19.68 -13.17 -3.67
C SER B 41 20.86 -13.99 -4.17
N ALA B 42 22.02 -13.65 -3.61
CA ALA B 42 23.21 -14.50 -3.74
C ALA B 42 22.96 -15.92 -3.22
N ASP B 43 21.91 -16.19 -2.43
CA ASP B 43 21.57 -17.53 -1.99
C ASP B 43 20.92 -18.37 -3.08
N LYS B 44 20.88 -17.92 -4.36
CA LYS B 44 20.35 -18.67 -5.48
C LYS B 44 18.83 -18.71 -5.50
N LEU B 45 18.15 -18.00 -4.63
CA LEU B 45 16.70 -18.08 -4.55
C LEU B 45 16.04 -16.76 -4.96
N ILE B 46 14.78 -16.92 -5.42
CA ILE B 46 13.86 -15.84 -5.62
C ILE B 46 12.75 -16.05 -4.58
N LYS B 47 12.30 -14.97 -3.93
CA LYS B 47 11.19 -15.09 -2.98
C LYS B 47 10.12 -14.09 -3.40
N ILE B 48 8.87 -14.47 -3.17
CA ILE B 48 7.71 -13.65 -3.48
C ILE B 48 7.02 -13.34 -2.15
N TRP B 49 6.59 -12.08 -2.00
CA TRP B 49 6.01 -11.57 -0.76
C TRP B 49 4.82 -10.69 -1.13
N GLY B 50 3.80 -10.63 -0.26
CA GLY B 50 2.74 -9.69 -0.50
C GLY B 50 3.26 -8.25 -0.44
N ALA B 51 2.79 -7.44 -1.39
CA ALA B 51 3.24 -6.05 -1.48
C ALA B 51 2.66 -5.16 -0.40
N TYR B 52 1.48 -5.49 0.13
CA TYR B 52 0.80 -4.63 1.08
C TYR B 52 1.01 -5.07 2.51
N ASP B 53 1.28 -6.37 2.72
CA ASP B 53 1.39 -6.91 4.06
C ASP B 53 2.73 -7.59 4.32
N GLY B 54 3.62 -7.60 3.34
CA GLY B 54 4.90 -8.25 3.57
C GLY B 54 4.90 -9.75 3.72
N LYS B 55 3.74 -10.40 3.64
CA LYS B 55 3.69 -11.81 3.97
C LYS B 55 4.40 -12.67 2.93
N PHE B 56 5.23 -13.60 3.42
CA PHE B 56 5.92 -14.54 2.54
C PHE B 56 4.91 -15.36 1.77
N GLU B 57 5.13 -15.48 0.48
CA GLU B 57 4.28 -16.22 -0.41
C GLU B 57 4.94 -17.50 -0.89
N LYS B 58 6.13 -17.42 -1.50
CA LYS B 58 6.77 -18.66 -1.95
C LYS B 58 8.23 -18.40 -2.27
N THR B 59 8.97 -19.50 -2.40
CA THR B 59 10.35 -19.48 -2.85
C THR B 59 10.39 -20.14 -4.22
N ILE B 60 11.20 -19.58 -5.11
CA ILE B 60 11.40 -20.12 -6.46
C ILE B 60 12.88 -20.46 -6.64
N SER B 61 13.17 -21.70 -7.02
N SER B 61 13.15 -21.72 -7.01
CA SER B 61 14.54 -22.18 -7.01
CA SER B 61 14.49 -22.30 -6.96
C SER B 61 14.88 -22.92 -8.29
C SER B 61 14.87 -22.93 -8.29
N GLY B 62 16.17 -22.93 -8.59
CA GLY B 62 16.69 -23.67 -9.72
C GLY B 62 17.99 -23.14 -10.26
N HIS B 63 18.31 -21.86 -10.09
CA HIS B 63 19.66 -21.44 -10.45
C HIS B 63 20.73 -22.17 -9.64
N LYS B 64 21.90 -22.28 -10.25
CA LYS B 64 23.00 -23.03 -9.65
C LYS B 64 23.98 -22.18 -8.87
N LEU B 65 23.96 -20.89 -9.12
CA LEU B 65 24.76 -19.93 -8.38
C LEU B 65 23.87 -18.73 -8.11
N GLY B 66 24.44 -17.73 -7.41
CA GLY B 66 23.69 -16.57 -6.98
C GLY B 66 23.02 -15.81 -8.09
N ILE B 67 22.02 -15.03 -7.72
CA ILE B 67 21.23 -14.22 -8.67
C ILE B 67 21.48 -12.76 -8.37
N SER B 68 21.73 -11.96 -9.42
CA SER B 68 21.93 -10.52 -9.32
C SER B 68 20.68 -9.69 -9.56
N ASP B 69 19.69 -10.20 -10.30
CA ASP B 69 18.56 -9.34 -10.71
C ASP B 69 17.39 -10.25 -11.04
N VAL B 70 16.20 -9.71 -10.89
CA VAL B 70 14.95 -10.39 -11.26
C VAL B 70 14.02 -9.31 -11.78
N ALA B 71 13.17 -9.63 -12.76
CA ALA B 71 12.27 -8.62 -13.35
C ALA B 71 10.95 -9.28 -13.73
N TRP B 72 9.89 -8.49 -13.71
CA TRP B 72 8.53 -8.97 -13.97
C TRP B 72 8.11 -8.70 -15.40
N SER B 73 7.28 -9.59 -15.95
CA SER B 73 6.59 -9.30 -17.20
C SER B 73 5.45 -8.31 -16.93
N SER B 74 4.97 -7.69 -18.02
CA SER B 74 3.93 -6.66 -17.90
C SER B 74 2.66 -7.18 -17.27
N ASP B 75 2.30 -8.44 -17.53
CA ASP B 75 1.08 -9.00 -17.01
C ASP B 75 1.27 -9.61 -15.62
N SER B 76 2.42 -9.42 -15.00
CA SER B 76 2.73 -9.93 -13.65
C SER B 76 2.75 -11.45 -13.55
N ASN B 77 2.71 -12.16 -14.66
CA ASN B 77 2.68 -13.62 -14.55
C ASN B 77 4.05 -14.28 -14.64
N LEU B 78 5.04 -13.62 -15.24
CA LEU B 78 6.35 -14.22 -15.39
C LEU B 78 7.43 -13.38 -14.72
N LEU B 79 8.48 -14.05 -14.33
CA LEU B 79 9.72 -13.41 -13.89
C LEU B 79 10.88 -13.85 -14.78
N VAL B 80 11.91 -13.00 -14.95
CA VAL B 80 13.19 -13.42 -15.51
C VAL B 80 14.23 -13.08 -14.46
N SER B 81 15.22 -13.95 -14.31
CA SER B 81 16.32 -13.74 -13.39
C SER B 81 17.66 -13.90 -14.10
N ALA B 82 18.67 -13.20 -13.57
CA ALA B 82 20.01 -13.15 -14.12
C ALA B 82 20.96 -13.71 -13.09
N SER B 83 21.76 -14.73 -13.44
CA SER B 83 22.58 -15.42 -12.45
C SER B 83 24.05 -15.52 -12.80
N ASP B 84 24.83 -15.72 -11.73
CA ASP B 84 26.24 -16.08 -11.87
C ASP B 84 26.47 -17.41 -12.56
N ASP B 85 25.45 -18.24 -12.67
CA ASP B 85 25.56 -19.46 -13.42
C ASP B 85 25.60 -19.25 -14.92
N LYS B 86 25.63 -18.00 -15.40
CA LYS B 86 25.78 -17.61 -16.80
C LYS B 86 24.46 -17.66 -17.55
N THR B 87 23.37 -18.03 -16.88
CA THR B 87 22.09 -18.12 -17.53
C THR B 87 21.12 -17.06 -17.01
N LEU B 88 20.08 -16.86 -17.82
CA LEU B 88 18.85 -16.29 -17.29
C LEU B 88 17.80 -17.39 -17.22
N LYS B 89 16.82 -17.27 -16.35
CA LYS B 89 15.68 -18.20 -16.34
C LYS B 89 14.38 -17.43 -16.37
N ILE B 90 13.42 -17.96 -17.14
CA ILE B 90 12.07 -17.42 -17.19
C ILE B 90 11.18 -18.32 -16.34
N TRP B 91 10.46 -17.74 -15.40
CA TRP B 91 9.68 -18.46 -14.41
C TRP B 91 8.21 -18.14 -14.53
N ASP B 92 7.37 -19.17 -14.37
CA ASP B 92 5.94 -18.95 -14.13
C ASP B 92 5.79 -18.69 -12.64
N VAL B 93 5.31 -17.50 -12.28
CA VAL B 93 5.24 -17.17 -10.85
C VAL B 93 4.21 -18.02 -10.12
N SER B 94 3.08 -18.29 -10.76
CA SER B 94 2.03 -19.04 -10.09
C SER B 94 2.47 -20.47 -9.76
N SER B 95 3.20 -21.13 -10.65
CA SER B 95 3.62 -22.49 -10.37
C SER B 95 5.00 -22.57 -9.77
N GLY B 96 5.79 -21.51 -9.85
CA GLY B 96 7.20 -21.56 -9.53
C GLY B 96 8.09 -22.30 -10.50
N LYS B 97 7.59 -22.78 -11.62
CA LYS B 97 8.41 -23.58 -12.51
C LYS B 97 9.26 -22.72 -13.44
N CYS B 98 10.46 -23.22 -13.71
CA CYS B 98 11.31 -22.67 -14.75
C CYS B 98 10.79 -23.08 -16.12
N LEU B 99 10.37 -22.12 -16.91
CA LEU B 99 9.85 -22.39 -18.25
C LEU B 99 10.98 -22.49 -19.29
N LYS B 100 11.99 -21.63 -19.21
CA LYS B 100 13.09 -21.61 -20.18
C LYS B 100 14.35 -21.22 -19.44
N THR B 101 15.48 -21.73 -19.92
CA THR B 101 16.80 -21.28 -19.48
C THR B 101 17.50 -20.68 -20.69
N LEU B 102 17.90 -19.42 -20.57
CA LEU B 102 18.48 -18.63 -21.66
C LEU B 102 19.99 -18.71 -21.57
N LYS B 103 20.57 -19.43 -22.51
CA LYS B 103 21.99 -19.74 -22.50
C LYS B 103 22.71 -19.02 -23.63
N GLY B 104 23.89 -18.49 -23.35
CA GLY B 104 24.70 -17.85 -24.38
C GLY B 104 25.73 -16.93 -23.75
N HIS B 105 25.44 -16.26 -22.63
CA HIS B 105 26.49 -15.44 -22.00
C HIS B 105 27.65 -16.33 -21.57
N SER B 106 28.87 -15.76 -21.56
CA SER B 106 30.05 -16.51 -21.20
C SER B 106 30.57 -16.15 -19.81
N ASN B 107 29.83 -15.36 -19.04
CA ASN B 107 30.21 -14.99 -17.68
C ASN B 107 28.93 -14.62 -16.94
N TYR B 108 29.08 -14.13 -15.71
CA TYR B 108 27.92 -13.84 -14.88
C TYR B 108 26.95 -12.93 -15.62
N VAL B 109 25.64 -13.18 -15.47
CA VAL B 109 24.63 -12.27 -15.98
C VAL B 109 24.25 -11.35 -14.82
N PHE B 110 24.31 -10.07 -15.03
CA PHE B 110 24.11 -9.12 -13.95
C PHE B 110 22.80 -8.36 -13.92
N CYS B 111 22.13 -8.22 -15.07
CA CYS B 111 20.96 -7.34 -15.15
C CYS B 111 20.04 -7.84 -16.24
N CYS B 112 18.73 -7.61 -16.04
CA CYS B 112 17.77 -8.09 -17.02
C CYS B 112 16.46 -7.33 -16.90
N ASN B 113 15.70 -7.38 -17.99
CA ASN B 113 14.37 -6.74 -18.04
C ASN B 113 13.59 -7.30 -19.21
N PHE B 114 12.26 -7.39 -19.04
CA PHE B 114 11.40 -7.61 -20.21
C PHE B 114 11.17 -6.25 -20.91
N ASN B 115 10.83 -6.31 -22.19
CA ASN B 115 10.24 -5.12 -22.81
C ASN B 115 8.80 -4.99 -22.35
N PRO B 116 8.17 -3.81 -22.53
CA PRO B 116 6.78 -3.66 -22.09
C PRO B 116 5.83 -4.60 -22.79
N GLN B 117 6.03 -4.88 -24.06
CA GLN B 117 5.21 -5.88 -24.72
C GLN B 117 5.41 -7.27 -24.10
N SER B 118 6.58 -7.50 -23.52
CA SER B 118 7.01 -8.70 -22.83
C SER B 118 7.19 -9.89 -23.76
N ASN B 119 7.43 -9.64 -25.04
CA ASN B 119 7.86 -10.67 -25.97
C ASN B 119 9.38 -10.79 -26.04
N LEU B 120 10.14 -9.85 -25.49
CA LEU B 120 11.61 -9.87 -25.47
C LEU B 120 12.11 -9.69 -24.06
N ILE B 121 13.32 -10.22 -23.83
CA ILE B 121 14.10 -9.89 -22.65
C ILE B 121 15.42 -9.31 -23.11
N VAL B 122 15.93 -8.35 -22.34
CA VAL B 122 17.29 -7.85 -22.53
C VAL B 122 18.10 -8.22 -21.29
N SER B 123 19.39 -8.58 -21.52
CA SER B 123 20.32 -8.93 -20.45
C SER B 123 21.66 -8.24 -20.66
N GLY B 124 22.35 -8.01 -19.55
CA GLY B 124 23.74 -7.55 -19.59
C GLY B 124 24.60 -8.38 -18.67
N SER B 125 25.88 -8.54 -19.05
CA SER B 125 26.74 -9.51 -18.40
C SER B 125 28.12 -8.94 -18.11
N PHE B 126 28.80 -9.65 -17.20
CA PHE B 126 30.22 -9.49 -16.98
C PHE B 126 31.03 -9.77 -18.25
N ASP B 127 30.46 -10.51 -19.21
CA ASP B 127 31.13 -10.76 -20.48
C ASP B 127 31.13 -9.56 -21.41
N GLU B 128 30.56 -8.42 -21.01
CA GLU B 128 30.70 -7.12 -21.68
C GLU B 128 29.70 -7.02 -22.82
N SER B 129 28.75 -7.97 -22.95
CA SER B 129 27.74 -7.94 -23.99
C SER B 129 26.37 -7.66 -23.41
N VAL B 130 25.49 -7.19 -24.30
CA VAL B 130 24.04 -7.13 -24.07
C VAL B 130 23.41 -8.13 -25.01
N ARG B 131 22.49 -8.94 -24.51
CA ARG B 131 21.78 -9.86 -25.38
C ARG B 131 20.28 -9.57 -25.34
N ILE B 132 19.66 -9.83 -26.49
CA ILE B 132 18.23 -9.68 -26.69
C ILE B 132 17.68 -11.06 -27.01
N TRP B 133 16.67 -11.49 -26.24
CA TRP B 133 16.16 -12.85 -26.25
C TRP B 133 14.68 -12.87 -26.59
N ASP B 134 14.26 -13.89 -27.33
CA ASP B 134 12.83 -14.11 -27.60
C ASP B 134 12.22 -14.91 -26.45
N VAL B 135 11.20 -14.36 -25.79
CA VAL B 135 10.59 -15.02 -24.63
C VAL B 135 9.96 -16.36 -25.02
N LYS B 136 9.27 -16.42 -26.16
CA LYS B 136 8.52 -17.62 -26.52
C LYS B 136 9.41 -18.79 -26.93
N THR B 137 10.45 -18.53 -27.74
CA THR B 137 11.35 -19.62 -28.12
C THR B 137 12.51 -19.79 -27.14
N GLY B 138 12.76 -18.82 -26.28
CA GLY B 138 13.90 -18.87 -25.39
C GLY B 138 15.25 -18.77 -26.06
N LYS B 139 15.29 -18.33 -27.31
CA LYS B 139 16.54 -18.21 -28.05
C LYS B 139 17.08 -16.79 -28.03
N CYS B 140 18.39 -16.67 -28.12
CA CYS B 140 19.03 -15.37 -28.30
C CYS B 140 18.80 -14.87 -29.71
N LEU B 141 18.27 -13.67 -29.83
CA LEU B 141 18.07 -13.02 -31.12
C LEU B 141 19.27 -12.24 -31.57
N LYS B 142 19.88 -11.48 -30.66
CA LYS B 142 21.03 -10.63 -31.02
C LYS B 142 21.98 -10.58 -29.84
N THR B 143 23.28 -10.47 -30.18
CA THR B 143 24.31 -10.22 -29.19
C THR B 143 24.98 -8.93 -29.58
N LEU B 144 24.98 -7.96 -28.69
CA LEU B 144 25.53 -6.63 -28.95
C LEU B 144 26.84 -6.52 -28.22
N PRO B 145 27.92 -6.15 -28.92
CA PRO B 145 29.25 -5.98 -28.25
C PRO B 145 29.27 -4.61 -27.61
N ALA B 146 28.50 -4.48 -26.54
CA ALA B 146 28.00 -3.18 -26.07
C ALA B 146 29.05 -2.35 -25.35
N HIS B 147 29.97 -3.00 -24.61
CA HIS B 147 30.82 -2.30 -23.65
C HIS B 147 32.19 -2.99 -23.63
N SER B 148 33.11 -2.36 -22.89
CA SER B 148 34.46 -2.90 -22.74
C SER B 148 34.78 -3.23 -21.27
N ASP B 149 33.73 -3.39 -20.48
CA ASP B 149 33.80 -3.84 -19.09
C ASP B 149 32.41 -4.34 -18.73
N PRO B 150 32.21 -4.93 -17.52
CA PRO B 150 30.88 -5.52 -17.21
C PRO B 150 29.74 -4.53 -17.41
N VAL B 151 28.60 -5.07 -17.84
CA VAL B 151 27.40 -4.28 -18.08
C VAL B 151 26.58 -4.27 -16.78
N SER B 152 26.32 -3.07 -16.29
CA SER B 152 25.70 -2.90 -14.99
C SER B 152 24.18 -2.77 -15.00
N ALA B 153 23.58 -2.35 -16.10
CA ALA B 153 22.14 -2.17 -16.19
C ALA B 153 21.72 -2.19 -17.64
N VAL B 154 20.47 -2.62 -17.84
CA VAL B 154 19.79 -2.64 -19.15
C VAL B 154 18.32 -2.33 -18.94
N HIS B 155 17.73 -1.46 -19.78
CA HIS B 155 16.32 -1.08 -19.61
C HIS B 155 15.72 -0.73 -20.96
N PHE B 156 14.48 -1.14 -21.21
CA PHE B 156 13.75 -0.71 -22.41
C PHE B 156 12.99 0.56 -22.14
N ASN B 157 12.77 1.34 -23.20
CA ASN B 157 11.81 2.45 -23.11
C ASN B 157 10.37 1.91 -23.26
N ARG B 158 9.41 2.82 -23.26
CA ARG B 158 8.01 2.41 -23.05
C ARG B 158 7.40 1.68 -24.22
N ASP B 159 7.91 1.92 -25.43
CA ASP B 159 7.43 1.13 -26.57
C ASP B 159 8.42 0.05 -26.98
N GLY B 160 9.42 -0.22 -26.15
CA GLY B 160 10.37 -1.24 -26.48
C GLY B 160 11.32 -0.96 -27.65
N SER B 161 11.28 0.23 -28.23
CA SER B 161 12.09 0.50 -29.42
C SER B 161 13.55 0.77 -29.07
N LEU B 162 13.83 1.18 -27.85
CA LEU B 162 15.19 1.51 -27.41
C LEU B 162 15.55 0.72 -26.18
N ILE B 163 16.83 0.40 -26.08
CA ILE B 163 17.47 -0.14 -24.88
C ILE B 163 18.52 0.85 -24.41
N VAL B 164 18.57 1.17 -23.11
CA VAL B 164 19.71 1.89 -22.54
C VAL B 164 20.54 0.90 -21.73
N SER B 165 21.86 0.98 -21.91
CA SER B 165 22.81 0.14 -21.19
C SER B 165 23.83 1.01 -20.48
N SER B 166 24.38 0.52 -19.38
CA SER B 166 25.44 1.18 -18.65
C SER B 166 26.55 0.18 -18.34
N SER B 167 27.77 0.70 -18.07
CA SER B 167 28.87 -0.20 -17.79
C SER B 167 29.91 0.48 -16.90
N TYR B 168 30.69 -0.39 -16.26
CA TYR B 168 31.91 0.03 -15.60
C TYR B 168 32.92 0.69 -16.53
N ASP B 169 32.75 0.55 -17.84
CA ASP B 169 33.67 1.22 -18.79
C ASP B 169 33.44 2.77 -18.80
N GLY B 170 32.45 3.27 -18.07
CA GLY B 170 32.12 4.69 -17.97
C GLY B 170 31.09 5.23 -18.95
N LEU B 171 30.56 4.34 -19.79
CA LEU B 171 29.57 4.73 -20.80
C LEU B 171 28.15 4.33 -20.52
N CYS B 172 27.26 5.14 -21.06
CA CYS B 172 25.87 4.83 -21.17
CA CYS B 172 25.91 4.90 -21.12
C CYS B 172 25.61 4.85 -22.70
N ARG B 173 24.96 3.84 -23.23
CA ARG B 173 24.67 3.75 -24.66
C ARG B 173 23.19 3.45 -24.87
N ILE B 174 22.67 4.02 -25.95
CA ILE B 174 21.29 3.81 -26.36
C ILE B 174 21.31 3.00 -27.64
N TRP B 175 20.53 1.91 -27.67
CA TRP B 175 20.52 0.97 -28.76
C TRP B 175 19.15 0.92 -29.40
N ASP B 176 19.10 0.69 -30.70
CA ASP B 176 17.85 0.43 -31.42
C ASP B 176 17.56 -1.05 -31.25
N THR B 177 16.45 -1.39 -30.58
CA THR B 177 16.13 -2.80 -30.33
C THR B 177 16.08 -3.62 -31.60
N ALA B 178 15.41 -3.10 -32.64
CA ALA B 178 15.11 -3.92 -33.79
C ALA B 178 16.36 -4.32 -34.56
N SER B 179 17.36 -3.42 -34.66
CA SER B 179 18.58 -3.69 -35.42
C SER B 179 19.76 -4.09 -34.53
N GLY B 180 19.71 -3.74 -33.25
CA GLY B 180 20.84 -3.90 -32.36
C GLY B 180 21.92 -2.85 -32.53
N GLN B 181 21.72 -1.83 -33.36
CA GLN B 181 22.78 -0.87 -33.62
C GLN B 181 22.70 0.27 -32.61
N CYS B 182 23.84 0.90 -32.35
CA CYS B 182 23.93 1.97 -31.38
C CYS B 182 23.41 3.28 -31.98
N LEU B 183 22.50 3.93 -31.27
CA LEU B 183 21.96 5.25 -31.60
C LEU B 183 22.77 6.39 -31.00
N LYS B 184 23.29 6.22 -29.78
CA LYS B 184 24.03 7.28 -29.11
C LYS B 184 24.90 6.68 -28.04
N THR B 185 26.07 7.28 -27.83
CA THR B 185 26.88 7.10 -26.64
C THR B 185 26.88 8.38 -25.82
N LEU B 186 26.54 8.29 -24.54
CA LEU B 186 26.76 9.37 -23.57
C LEU B 186 28.07 9.20 -22.81
N ASN B 191 35.11 9.81 -16.77
CA ASN B 191 34.33 8.61 -17.03
C ASN B 191 34.35 7.65 -15.83
N PRO B 192 33.74 8.07 -14.70
CA PRO B 192 33.55 7.13 -13.59
C PRO B 192 32.67 5.96 -14.01
N PRO B 193 32.90 4.79 -13.45
CA PRO B 193 32.01 3.66 -13.76
C PRO B 193 30.55 4.03 -13.60
N VAL B 194 29.75 3.63 -14.59
CA VAL B 194 28.29 3.83 -14.52
C VAL B 194 27.69 2.54 -13.99
N SER B 195 26.99 2.63 -12.85
CA SER B 195 26.54 1.45 -12.12
C SER B 195 25.03 1.19 -12.24
N PHE B 196 24.28 2.12 -12.81
CA PHE B 196 22.85 1.91 -13.02
C PHE B 196 22.35 2.93 -14.01
N VAL B 197 21.41 2.53 -14.87
CA VAL B 197 20.72 3.51 -15.70
C VAL B 197 19.30 3.01 -15.97
N LYS B 198 18.39 3.93 -16.18
CA LYS B 198 17.05 3.57 -16.69
C LYS B 198 16.43 4.81 -17.35
N PHE B 199 15.49 4.56 -18.25
CA PHE B 199 14.70 5.64 -18.83
C PHE B 199 13.76 6.28 -17.81
N SER B 200 13.49 7.59 -18.00
CA SER B 200 12.57 8.35 -17.16
C SER B 200 11.11 8.10 -17.54
N PRO B 201 10.17 8.48 -16.66
CA PRO B 201 8.75 8.29 -16.96
C PRO B 201 8.26 9.02 -18.22
N ASN B 202 8.81 10.19 -18.57
CA ASN B 202 8.38 10.90 -19.78
C ASN B 202 9.12 10.41 -21.03
N GLY B 203 10.00 9.42 -20.88
CA GLY B 203 10.72 8.80 -21.98
C GLY B 203 11.89 9.60 -22.53
N LYS B 204 12.13 10.81 -22.04
CA LYS B 204 13.10 11.70 -22.66
C LYS B 204 14.45 11.67 -21.98
N TYR B 205 14.51 11.23 -20.71
CA TYR B 205 15.70 11.35 -19.88
C TYR B 205 16.15 9.96 -19.46
N ILE B 206 17.39 9.88 -19.05
CA ILE B 206 17.90 8.69 -18.39
C ILE B 206 18.43 9.12 -17.03
N LEU B 207 18.16 8.28 -16.02
CA LEU B 207 18.70 8.44 -14.67
C LEU B 207 19.88 7.50 -14.57
N ALA B 208 21.07 8.04 -14.29
CA ALA B 208 22.31 7.27 -14.26
C ALA B 208 23.02 7.46 -12.92
N ALA B 209 23.45 6.35 -12.34
CA ALA B 209 24.30 6.37 -11.14
C ALA B 209 25.74 6.13 -11.57
N THR B 210 26.65 6.86 -10.93
CA THR B 210 28.07 6.63 -11.12
C THR B 210 28.73 6.38 -9.77
N LEU B 211 29.86 5.62 -9.81
CA LEU B 211 30.56 5.19 -8.58
C LEU B 211 31.42 6.27 -7.99
N ASP B 212 30.92 7.50 -7.99
CA ASP B 212 31.47 8.68 -7.33
C ASP B 212 30.38 9.35 -6.52
N ASN B 213 29.48 8.57 -5.95
CA ASN B 213 28.50 9.09 -5.02
C ASN B 213 27.51 10.04 -5.69
N THR B 214 27.14 9.78 -6.94
CA THR B 214 26.37 10.78 -7.70
C THR B 214 25.30 10.10 -8.57
N LEU B 215 24.10 10.68 -8.58
CA LEU B 215 23.08 10.34 -9.56
C LEU B 215 22.83 11.55 -10.44
N LYS B 216 22.54 11.31 -11.73
CA LYS B 216 22.30 12.40 -12.65
C LYS B 216 21.14 12.05 -13.56
N LEU B 217 20.32 13.07 -13.84
CA LEU B 217 19.22 12.93 -14.80
C LEU B 217 19.71 13.64 -16.06
N TRP B 218 19.79 12.92 -17.16
CA TRP B 218 20.35 13.39 -18.42
C TRP B 218 19.29 13.44 -19.50
N ASP B 219 19.27 14.51 -20.29
CA ASP B 219 18.58 14.48 -21.57
C ASP B 219 19.49 13.80 -22.61
N TYR B 220 19.19 12.53 -22.93
CA TYR B 220 20.12 11.73 -23.73
C TYR B 220 20.20 12.23 -25.17
N SER B 221 19.10 12.76 -25.70
CA SER B 221 19.13 13.28 -27.06
C SER B 221 19.99 14.54 -27.15
N LYS B 222 19.84 15.46 -26.19
CA LYS B 222 20.62 16.69 -26.13
C LYS B 222 22.00 16.51 -25.51
N GLY B 223 22.26 15.41 -24.82
CA GLY B 223 23.54 15.24 -24.15
C GLY B 223 23.80 16.22 -23.02
N LYS B 224 22.75 16.59 -22.27
CA LYS B 224 22.87 17.58 -21.22
C LYS B 224 22.36 17.03 -19.89
N CYS B 225 23.09 17.33 -18.83
CA CYS B 225 22.69 16.92 -17.48
C CYS B 225 21.71 17.95 -16.93
N LEU B 226 20.49 17.50 -16.56
CA LEU B 226 19.45 18.37 -16.05
C LEU B 226 19.46 18.49 -14.54
N LYS B 227 19.80 17.39 -13.84
CA LYS B 227 19.72 17.40 -12.39
C LYS B 227 20.82 16.50 -11.84
N THR B 228 21.35 16.84 -10.68
CA THR B 228 22.37 16.00 -10.02
C THR B 228 21.92 15.79 -8.58
N TYR B 229 22.01 14.55 -8.09
CA TYR B 229 21.60 14.22 -6.72
C TYR B 229 22.78 13.62 -5.97
N THR B 230 23.11 14.18 -4.81
CA THR B 230 24.19 13.69 -3.96
C THR B 230 23.74 13.72 -2.51
N GLY B 231 24.61 13.14 -1.66
CA GLY B 231 24.34 12.96 -0.25
C GLY B 231 24.47 11.52 0.19
N HIS B 232 24.17 10.59 -0.71
CA HIS B 232 24.32 9.17 -0.43
C HIS B 232 25.77 8.72 -0.64
N LYS B 233 26.04 7.45 -0.39
CA LYS B 233 27.36 6.89 -0.51
C LYS B 233 27.30 5.81 -1.59
N ASN B 234 28.12 5.94 -2.62
CA ASN B 234 28.06 4.93 -3.69
C ASN B 234 29.38 4.95 -4.44
N GLU B 235 30.33 4.12 -3.98
CA GLU B 235 31.65 3.98 -4.62
C GLU B 235 31.94 2.56 -5.03
N LYS B 236 31.09 1.61 -4.66
CA LYS B 236 31.47 0.21 -4.86
C LYS B 236 30.41 -0.62 -5.57
N TYR B 237 29.18 -0.53 -5.14
CA TYR B 237 28.13 -1.48 -5.54
C TYR B 237 27.24 -0.92 -6.63
N CYS B 238 26.70 -1.78 -7.47
CA CYS B 238 25.67 -1.33 -8.40
C CYS B 238 24.35 -1.27 -7.63
N ILE B 239 23.90 -0.06 -7.34
CA ILE B 239 22.72 0.23 -6.55
C ILE B 239 21.69 0.85 -7.48
N PHE B 240 20.51 0.26 -7.49
CA PHE B 240 19.42 0.76 -8.32
C PHE B 240 19.00 2.15 -7.87
N ALA B 241 18.36 2.89 -8.76
CA ALA B 241 17.67 4.12 -8.37
C ALA B 241 16.29 4.10 -9.03
N ASN B 242 15.36 4.83 -8.45
CA ASN B 242 13.97 4.81 -8.90
C ASN B 242 13.40 6.21 -9.03
N PHE B 243 12.38 6.33 -9.89
CA PHE B 243 11.46 7.48 -9.89
C PHE B 243 10.25 7.06 -9.07
N SER B 244 9.82 7.89 -8.10
CA SER B 244 8.59 7.63 -7.37
C SER B 244 7.53 8.51 -7.99
N VAL B 245 6.54 7.88 -8.61
CA VAL B 245 5.57 8.55 -9.49
C VAL B 245 4.18 8.60 -8.92
N THR B 246 3.96 8.09 -7.70
CA THR B 246 2.60 7.93 -7.16
C THR B 246 2.14 9.13 -6.38
N GLY B 247 3.06 9.81 -5.69
CA GLY B 247 2.72 11.00 -4.91
C GLY B 247 3.58 12.15 -5.38
N GLY B 248 4.33 12.76 -4.47
CA GLY B 248 5.29 13.77 -4.87
C GLY B 248 6.36 13.18 -5.78
N LYS B 249 6.96 14.02 -6.60
CA LYS B 249 7.95 13.54 -7.57
C LYS B 249 9.29 13.37 -6.85
N TRP B 250 9.70 12.12 -6.61
CA TRP B 250 10.95 11.88 -5.88
C TRP B 250 11.85 10.97 -6.67
N ILE B 251 13.16 11.07 -6.39
CA ILE B 251 14.15 10.06 -6.77
C ILE B 251 14.43 9.27 -5.51
N VAL B 252 14.59 7.94 -5.64
CA VAL B 252 14.83 7.06 -4.49
C VAL B 252 16.08 6.24 -4.78
N SER B 253 16.96 6.05 -3.80
CA SER B 253 18.07 5.12 -4.01
C SER B 253 18.51 4.51 -2.68
N GLY B 254 19.13 3.35 -2.78
CA GLY B 254 19.92 2.85 -1.67
C GLY B 254 21.27 3.55 -1.58
N SER B 255 22.11 3.03 -0.69
CA SER B 255 23.33 3.72 -0.29
C SER B 255 24.21 2.80 0.56
N GLU B 256 25.51 3.04 0.47
CA GLU B 256 26.50 2.24 1.18
C GLU B 256 26.63 2.65 2.64
N ASP B 257 25.89 3.66 3.11
CA ASP B 257 25.82 3.99 4.52
C ASP B 257 24.57 3.42 5.16
N ASN B 258 23.88 2.48 4.47
CA ASN B 258 22.81 1.65 5.06
C ASN B 258 21.47 2.35 5.11
N LEU B 259 21.34 3.50 4.44
CA LEU B 259 20.11 4.29 4.40
C LEU B 259 19.47 4.22 3.03
N VAL B 260 18.13 4.44 3.00
CA VAL B 260 17.43 4.78 1.74
C VAL B 260 17.34 6.28 1.65
N TYR B 261 17.78 6.85 0.54
CA TYR B 261 17.68 8.29 0.28
C TYR B 261 16.49 8.60 -0.61
N ILE B 262 15.82 9.72 -0.32
CA ILE B 262 14.69 10.23 -1.11
C ILE B 262 14.95 11.70 -1.38
N TRP B 263 15.04 12.08 -2.67
CA TRP B 263 15.26 13.46 -3.05
C TRP B 263 14.02 14.01 -3.75
N ASN B 264 13.83 15.32 -3.61
CA ASN B 264 12.92 16.07 -4.47
C ASN B 264 13.48 16.15 -5.90
N LEU B 265 12.73 15.62 -6.88
CA LEU B 265 13.21 15.58 -8.28
C LEU B 265 13.71 16.93 -8.78
N GLN B 266 12.97 18.00 -8.51
CA GLN B 266 13.25 19.32 -9.09
C GLN B 266 14.27 20.11 -8.29
N THR B 267 14.13 20.11 -6.95
CA THR B 267 15.03 20.92 -6.15
C THR B 267 16.31 20.23 -5.83
N LYS B 268 16.34 18.90 -5.97
CA LYS B 268 17.49 18.08 -5.62
C LYS B 268 17.77 18.01 -4.13
N GLU B 269 16.88 18.53 -3.28
CA GLU B 269 17.09 18.44 -1.84
C GLU B 269 16.67 17.06 -1.35
N ILE B 270 17.40 16.56 -0.35
CA ILE B 270 17.00 15.33 0.32
C ILE B 270 15.77 15.61 1.18
N VAL B 271 14.73 14.81 1.00
CA VAL B 271 13.52 14.96 1.78
C VAL B 271 13.35 13.89 2.84
N GLN B 272 13.97 12.71 2.70
CA GLN B 272 13.92 11.73 3.77
C GLN B 272 15.11 10.80 3.63
N LYS B 273 15.56 10.27 4.77
CA LYS B 273 16.53 9.16 4.81
C LYS B 273 15.92 8.09 5.69
N LEU B 274 15.77 6.87 5.17
CA LEU B 274 15.06 5.81 5.91
C LEU B 274 16.10 4.93 6.60
N GLN B 275 16.04 4.92 7.91
CA GLN B 275 16.99 4.20 8.74
C GLN B 275 16.41 2.90 9.27
N GLY B 276 17.21 1.84 9.22
CA GLY B 276 16.85 0.56 9.80
C GLY B 276 17.69 -0.61 9.32
N HIS B 277 18.15 -0.56 8.07
CA HIS B 277 19.01 -1.65 7.62
C HIS B 277 20.36 -1.57 8.32
N THR B 278 21.07 -2.71 8.32
CA THR B 278 22.37 -2.82 8.99
C THR B 278 23.48 -3.21 8.02
N ASP B 279 23.24 -3.10 6.73
CA ASP B 279 24.28 -3.24 5.73
C ASP B 279 23.86 -2.38 4.55
N VAL B 280 24.73 -2.34 3.53
CA VAL B 280 24.47 -1.57 2.32
C VAL B 280 23.08 -1.86 1.78
N VAL B 281 22.33 -0.80 1.47
CA VAL B 281 21.05 -0.94 0.80
C VAL B 281 21.33 -0.97 -0.70
N ILE B 282 21.29 -2.18 -1.28
CA ILE B 282 21.70 -2.40 -2.66
C ILE B 282 20.56 -2.18 -3.63
N SER B 283 19.34 -2.25 -3.16
CA SER B 283 18.22 -2.22 -4.06
C SER B 283 17.03 -1.58 -3.36
N THR B 284 16.29 -0.77 -4.11
CA THR B 284 15.02 -0.20 -3.71
C THR B 284 14.07 -0.30 -4.89
N ALA B 285 12.77 -0.25 -4.59
CA ALA B 285 11.73 -0.28 -5.59
C ALA B 285 10.59 0.56 -5.05
N CYS B 286 9.84 1.17 -5.97
CA CYS B 286 8.64 1.94 -5.66
C CYS B 286 7.40 1.29 -6.27
N HIS B 287 6.36 1.17 -5.46
CA HIS B 287 5.14 0.48 -5.85
C HIS B 287 4.45 1.25 -6.98
N PRO B 288 3.81 0.55 -7.93
CA PRO B 288 3.36 1.26 -9.15
C PRO B 288 2.17 2.18 -8.94
N THR B 289 1.36 1.95 -7.93
CA THR B 289 0.20 2.80 -7.73
C THR B 289 0.04 3.37 -6.32
N GLU B 290 0.63 2.76 -5.31
CA GLU B 290 0.60 3.23 -3.92
C GLU B 290 1.96 3.76 -3.45
N ASN B 291 1.95 4.58 -2.38
CA ASN B 291 3.16 5.20 -1.83
C ASN B 291 3.81 4.18 -0.88
N ILE B 292 4.51 3.21 -1.50
CA ILE B 292 5.18 2.13 -0.79
C ILE B 292 6.55 1.96 -1.42
N ILE B 293 7.57 1.83 -0.58
CA ILE B 293 8.94 1.56 -1.03
C ILE B 293 9.43 0.25 -0.40
N ALA B 294 10.08 -0.59 -1.20
CA ALA B 294 10.81 -1.74 -0.71
C ALA B 294 12.28 -1.43 -0.77
N SER B 295 13.04 -1.95 0.19
CA SER B 295 14.52 -1.85 0.18
C SER B 295 15.12 -3.17 0.59
N ALA B 296 16.37 -3.41 0.19
CA ALA B 296 17.01 -4.68 0.55
C ALA B 296 18.49 -4.47 0.76
N ALA B 297 19.07 -5.32 1.59
CA ALA B 297 20.44 -5.10 2.03
C ALA B 297 21.35 -6.32 1.87
N LEU B 298 22.66 -6.02 2.01
CA LEU B 298 23.71 -6.99 1.82
C LEU B 298 23.81 -7.91 3.05
N GLU B 299 24.85 -8.74 3.06
CA GLU B 299 24.80 -9.97 3.83
C GLU B 299 24.90 -9.82 5.35
N ASN B 300 25.27 -8.67 5.91
CA ASN B 300 25.15 -8.55 7.36
C ASN B 300 23.72 -8.43 7.78
N ASP B 301 22.85 -8.09 6.84
CA ASP B 301 21.44 -7.79 7.10
C ASP B 301 20.55 -8.85 6.47
N LYS B 302 20.53 -8.96 5.15
CA LYS B 302 19.86 -10.01 4.40
C LYS B 302 18.35 -9.90 4.42
N THR B 303 17.84 -8.73 4.78
CA THR B 303 16.40 -8.53 4.88
C THR B 303 15.91 -7.51 3.87
N ILE B 304 14.64 -7.61 3.58
CA ILE B 304 13.90 -6.62 2.83
C ILE B 304 13.02 -5.82 3.78
N LYS B 305 12.86 -4.55 3.54
CA LYS B 305 11.99 -3.71 4.38
C LYS B 305 10.95 -3.04 3.50
N LEU B 306 9.71 -3.01 3.98
CA LEU B 306 8.62 -2.28 3.35
C LEU B 306 8.30 -1.06 4.18
N TRP B 307 8.22 0.08 3.50
CA TRP B 307 7.99 1.40 4.07
C TRP B 307 6.79 2.02 3.38
N LYS B 308 5.90 2.63 4.18
CA LYS B 308 4.69 3.26 3.63
C LYS B 308 4.64 4.71 4.05
N SER B 309 4.14 5.55 3.13
CA SER B 309 3.91 6.97 3.36
C SER B 309 2.42 7.28 3.17
N ASP B 310 1.96 8.31 3.84
CA ASP B 310 0.58 8.72 3.68
C ASP B 310 0.33 9.62 2.46
N CYS B 311 1.39 9.99 1.77
CA CYS B 311 1.28 10.79 0.54
C CYS B 311 2.50 10.60 -0.34
#